data_4XRB
#
_entry.id   4XRB
#
_cell.length_a   71.355
_cell.length_b   96.608
_cell.length_c   75.525
_cell.angle_alpha   90.000
_cell.angle_beta   90.000
_cell.angle_gamma   90.000
#
_symmetry.space_group_name_H-M   'C 2 2 21'
#
loop_
_entity.id
_entity.type
_entity.pdbx_description
1 polymer RV2671
2 non-polymer 'NADPH DIHYDRO-NICOTINAMIDE-ADENINE-DINUCLEOTIDE PHOSPHATE'
3 non-polymer DI(HYDROXYETHYL)ETHER
4 water water
#
_entity_poly.entity_id   1
_entity_poly.type   'polypeptide(L)'
_entity_poly.pdbx_seq_one_letter_code
;MPDSGQLGAADTPLRLLSSVHYLTDGELPQLYDYPDDGTWLRANFISSLDGGATVDGTSGAMAGPGDRFVFNLLRELADV
IVVGVGTVRIEGYSGVRMGVVQRQHRQARGQSEVPQLAIVTRSGRLDRDMAVFTRTEMAPLVLTTTAVADDTRQRLAGLA
EVIACSGDDPGTVDEAVLVSQLAARGLRRILTEGGPTLLGTFVERDVLDELCLTIAPYVVGGLARRIVTGPGQVLTRMRC
AHVLTDDSGYLYTRYVKT
;
_entity_poly.pdbx_strand_id   A
#
loop_
_chem_comp.id
_chem_comp.type
_chem_comp.name
_chem_comp.formula
NDP non-polymer 'NADPH DIHYDRO-NICOTINAMIDE-ADENINE-DINUCLEOTIDE PHOSPHATE' 'C21 H30 N7 O17 P3'
PEG non-polymer DI(HYDROXYETHYL)ETHER 'C4 H10 O3'
#
# COMPACT_ATOMS: atom_id res chain seq x y z
N ALA A 10 6.35 39.39 17.50
CA ALA A 10 6.81 38.34 18.39
C ALA A 10 6.05 37.02 18.15
N ASP A 11 4.93 37.06 17.41
CA ASP A 11 4.15 35.86 17.16
C ASP A 11 4.66 35.18 15.87
N THR A 12 4.52 33.84 15.78
CA THR A 12 4.97 33.08 14.60
C THR A 12 3.87 32.07 14.28
N PRO A 13 3.89 31.51 13.06
CA PRO A 13 2.93 30.43 12.78
C PRO A 13 3.34 29.09 13.45
N LEU A 14 4.44 29.08 14.23
CA LEU A 14 4.95 27.78 14.71
C LEU A 14 4.42 27.35 16.07
N ARG A 15 4.15 26.05 16.20
CA ARG A 15 3.65 25.48 17.43
C ARG A 15 4.49 24.23 17.72
N LEU A 16 4.84 24.04 18.97
CA LEU A 16 5.63 22.87 19.35
C LEU A 16 4.69 21.68 19.44
N LEU A 17 5.02 20.53 18.80
CA LEU A 17 4.22 19.33 19.00
C LEU A 17 4.77 18.59 20.22
N SER A 18 3.90 17.89 20.96
CA SER A 18 4.42 17.02 22.00
C SER A 18 3.40 15.94 22.19
N SER A 19 3.74 14.86 22.91
CA SER A 19 2.84 13.70 23.04
C SER A 19 1.73 14.15 23.97
N VAL A 20 0.48 13.91 23.59
CA VAL A 20 -0.62 14.38 24.42
C VAL A 20 -1.48 13.20 24.82
N HIS A 21 -1.29 12.03 24.19
CA HIS A 21 -2.20 10.92 24.48
C HIS A 21 -1.58 9.58 24.14
N TYR A 22 -1.48 8.67 25.11
CA TYR A 22 -1.14 7.26 24.84
C TYR A 22 -2.25 6.48 24.18
N LEU A 23 -1.93 5.82 23.07
CA LEU A 23 -2.89 5.10 22.26
C LEU A 23 -2.98 3.63 22.72
N THR A 24 -4.20 3.14 22.88
CA THR A 24 -4.38 1.71 23.11
C THR A 24 -4.57 1.08 21.74
N ASP A 25 -4.40 -0.23 21.60
CA ASP A 25 -4.62 -0.83 20.26
C ASP A 25 -6.09 -0.71 19.77
N GLY A 26 -7.01 -0.41 20.68
CA GLY A 26 -8.39 -0.10 20.31
C GLY A 26 -8.63 1.27 19.70
N GLU A 27 -7.78 2.24 20.02
CA GLU A 27 -7.91 3.58 19.49
C GLU A 27 -7.22 3.77 18.13
N LEU A 28 -6.23 2.91 17.84
CA LEU A 28 -5.55 3.00 16.56
C LEU A 28 -6.47 2.85 15.35
N PRO A 29 -7.42 1.89 15.35
CA PRO A 29 -8.23 1.77 14.12
C PRO A 29 -8.99 3.04 13.80
N GLN A 30 -9.49 3.78 14.79
CA GLN A 30 -10.18 5.02 14.44
C GLN A 30 -9.27 6.08 13.83
N LEU A 31 -7.99 6.08 14.18
CA LEU A 31 -7.10 7.06 13.57
C LEU A 31 -6.86 6.68 12.10
N TYR A 32 -6.99 5.38 11.76
CA TYR A 32 -6.62 4.95 10.40
C TYR A 32 -7.79 4.41 9.62
N ASP A 33 -9.00 4.65 10.11
CA ASP A 33 -10.15 4.06 9.42
C ASP A 33 -10.29 4.61 7.99
N TYR A 34 -10.84 3.76 7.10
CA TYR A 34 -11.19 4.16 5.75
C TYR A 34 -12.47 4.96 5.81
N PRO A 35 -12.74 5.77 4.79
CA PRO A 35 -14.08 6.39 4.78
C PRO A 35 -15.20 5.35 4.70
N ASP A 36 -16.39 5.76 5.14
CA ASP A 36 -17.57 4.92 5.10
C ASP A 36 -17.94 4.53 3.69
N ASP A 37 -17.69 5.43 2.75
CA ASP A 37 -18.18 5.25 1.39
C ASP A 37 -17.06 5.49 0.38
N GLY A 38 -17.16 4.83 -0.76
CA GLY A 38 -16.32 5.16 -1.90
C GLY A 38 -15.02 4.41 -1.85
N THR A 39 -14.22 4.57 -2.88
CA THR A 39 -12.99 3.84 -2.95
C THR A 39 -11.94 4.74 -2.35
N TRP A 40 -10.93 4.14 -1.81
CA TRP A 40 -9.92 4.92 -1.13
C TRP A 40 -8.63 4.16 -1.31
N LEU A 41 -7.62 4.80 -1.89
CA LEU A 41 -6.34 4.14 -2.10
C LEU A 41 -5.34 4.74 -1.11
N ARG A 42 -4.86 3.92 -0.18
CA ARG A 42 -3.91 4.35 0.87
C ARG A 42 -2.59 3.67 0.59
N ALA A 43 -1.51 4.42 0.76
CA ALA A 43 -0.16 3.85 0.69
C ALA A 43 0.45 3.82 2.09
N ASN A 44 1.26 2.82 2.38
CA ASN A 44 1.97 2.82 3.65
C ASN A 44 3.44 2.48 3.40
N PHE A 45 4.33 3.43 3.67
CA PHE A 45 5.77 3.27 3.36
C PHE A 45 6.59 3.73 4.54
N ILE A 46 7.87 3.37 4.55
CA ILE A 46 8.79 3.91 5.53
C ILE A 46 9.98 4.54 4.81
N SER A 47 10.51 5.63 5.34
CA SER A 47 11.74 6.17 4.76
C SER A 47 12.62 6.80 5.79
N SER A 48 13.89 6.98 5.43
CA SER A 48 14.80 7.59 6.35
C SER A 48 14.57 9.09 6.36
N LEU A 49 15.26 9.75 7.28
CA LEU A 49 15.16 11.23 7.31
C LEU A 49 15.61 11.87 6.02
N ASP A 50 16.68 11.33 5.43
CA ASP A 50 17.18 11.90 4.17
C ASP A 50 16.55 11.27 2.93
N GLY A 51 15.34 10.75 3.11
CA GLY A 51 14.46 10.39 1.99
C GLY A 51 14.77 9.03 1.37
N GLY A 52 15.55 8.19 2.05
CA GLY A 52 15.92 6.89 1.45
C GLY A 52 14.91 5.79 1.81
N ALA A 53 14.55 4.95 0.84
CA ALA A 53 13.49 3.94 1.03
C ALA A 53 14.04 2.60 1.42
N THR A 54 15.34 2.45 1.29
CA THR A 54 15.86 1.08 1.43
C THR A 54 17.17 1.13 2.21
N VAL A 55 17.47 0.00 2.84
CA VAL A 55 18.72 -0.23 3.51
C VAL A 55 19.05 -1.66 3.08
N ASP A 56 20.15 -1.80 2.34
CA ASP A 56 20.56 -3.10 1.85
C ASP A 56 19.43 -3.75 1.00
N GLY A 57 18.72 -2.91 0.23
CA GLY A 57 17.80 -3.38 -0.81
C GLY A 57 16.37 -3.61 -0.40
N THR A 58 16.11 -3.56 0.91
CA THR A 58 14.77 -3.76 1.47
C THR A 58 14.45 -2.64 2.49
N SER A 59 13.20 -2.53 2.92
CA SER A 59 12.80 -1.49 3.90
C SER A 59 12.86 -1.97 5.39
N GLY A 60 12.87 -3.29 5.58
CA GLY A 60 12.72 -3.92 6.90
C GLY A 60 13.67 -3.52 8.04
N ALA A 61 14.93 -3.21 7.70
CA ALA A 61 15.98 -2.82 8.65
C ALA A 61 15.64 -1.59 9.47
N MET A 62 14.88 -0.68 8.86
CA MET A 62 14.54 0.58 9.50
C MET A 62 13.26 0.57 10.38
N ALA A 63 12.48 -0.51 10.43
CA ALA A 63 11.16 -0.48 11.11
C ALA A 63 11.12 -0.17 12.65
N GLY A 64 10.21 0.74 13.07
CA GLY A 64 10.12 1.24 14.44
C GLY A 64 9.32 0.33 15.34
N PRO A 65 9.44 0.56 16.67
CA PRO A 65 8.69 -0.26 17.64
C PRO A 65 7.21 -0.17 17.25
N GLY A 66 6.79 0.97 16.72
CA GLY A 66 5.41 1.10 16.36
C GLY A 66 5.04 0.52 15.00
N ASP A 67 6.03 0.26 14.14
CA ASP A 67 5.65 0.00 12.76
C ASP A 67 4.88 -1.27 12.59
N ARG A 68 5.11 -2.20 13.50
CA ARG A 68 4.37 -3.45 13.38
C ARG A 68 2.96 -3.34 13.89
N PHE A 69 2.68 -2.48 14.88
CA PHE A 69 1.27 -2.23 15.14
C PHE A 69 0.68 -1.62 13.88
N VAL A 70 1.37 -0.63 13.28
CA VAL A 70 0.72 0.14 12.22
C VAL A 70 0.60 -0.70 10.93
N PHE A 71 1.69 -1.34 10.53
CA PHE A 71 1.66 -2.09 9.27
C PHE A 71 0.61 -3.22 9.36
N ASN A 72 0.55 -3.90 10.50
CA ASN A 72 -0.41 -5.02 10.66
C ASN A 72 -1.83 -4.49 10.71
N LEU A 73 -2.03 -3.34 11.35
CA LEU A 73 -3.40 -2.78 11.38
C LEU A 73 -3.89 -2.40 10.00
N LEU A 74 -3.01 -1.75 9.21
CA LEU A 74 -3.45 -1.26 7.93
C LEU A 74 -3.77 -2.46 7.04
N ARG A 75 -3.02 -3.55 7.16
CA ARG A 75 -3.40 -4.77 6.38
C ARG A 75 -4.71 -5.31 6.82
N GLU A 76 -4.93 -5.28 8.14
CA GLU A 76 -6.20 -5.78 8.69
C GLU A 76 -7.41 -4.98 8.19
N LEU A 77 -7.24 -3.69 8.01
CA LEU A 77 -8.36 -2.82 7.59
C LEU A 77 -8.66 -2.90 6.11
N ALA A 78 -7.69 -3.35 5.31
CA ALA A 78 -7.82 -3.27 3.85
C ALA A 78 -8.72 -4.37 3.25
N ASP A 79 -9.44 -4.03 2.18
CA ASP A 79 -10.11 -5.10 1.39
C ASP A 79 -9.12 -5.84 0.49
N VAL A 80 -8.12 -5.11 0.00
CA VAL A 80 -7.14 -5.69 -0.93
C VAL A 80 -5.79 -4.93 -0.77
N ILE A 81 -4.70 -5.66 -0.92
CA ILE A 81 -3.37 -5.07 -0.83
C ILE A 81 -2.82 -5.18 -2.24
N VAL A 82 -2.47 -4.04 -2.82
CA VAL A 82 -1.98 -4.03 -4.21
C VAL A 82 -0.48 -3.84 -4.21
N VAL A 83 0.21 -4.68 -4.94
CA VAL A 83 1.65 -4.70 -4.93
C VAL A 83 2.19 -4.78 -6.34
N GLY A 84 3.36 -4.18 -6.58
CA GLY A 84 3.93 -4.24 -7.89
C GLY A 84 4.67 -5.53 -8.10
N VAL A 85 4.87 -5.90 -9.34
CA VAL A 85 5.50 -7.19 -9.53
C VAL A 85 6.99 -7.15 -9.14
N GLY A 86 7.58 -5.95 -9.07
CA GLY A 86 8.97 -5.86 -8.62
C GLY A 86 9.14 -6.29 -7.17
N THR A 87 8.28 -5.80 -6.30
CA THR A 87 8.53 -6.11 -4.92
C THR A 87 7.95 -7.42 -4.51
N VAL A 88 7.13 -8.02 -5.37
CA VAL A 88 6.60 -9.33 -5.01
C VAL A 88 7.82 -10.23 -4.92
N ARG A 89 8.73 -10.08 -5.88
CA ARG A 89 9.95 -10.89 -5.89
C ARG A 89 11.01 -10.43 -4.89
N TYR A 93 6.81 -11.54 -1.60
CA TYR A 93 5.51 -11.63 -0.93
C TYR A 93 5.06 -13.08 -0.86
N SER A 94 4.29 -13.42 0.17
CA SER A 94 3.46 -14.62 0.12
C SER A 94 2.09 -14.11 0.58
N GLY A 95 1.13 -15.02 0.74
CA GLY A 95 -0.20 -14.65 1.23
C GLY A 95 -0.14 -13.84 2.52
N VAL A 96 -0.92 -12.76 2.60
CA VAL A 96 -0.87 -11.93 3.80
C VAL A 96 -1.34 -12.76 5.00
N ARG A 97 -0.59 -12.71 6.09
CA ARG A 97 -0.94 -13.46 7.29
C ARG A 97 -1.90 -12.68 8.21
N MET A 98 -3.04 -13.28 8.53
CA MET A 98 -3.92 -12.71 9.53
C MET A 98 -4.01 -13.67 10.71
N GLY A 99 -3.90 -13.13 11.91
CA GLY A 99 -4.02 -13.97 13.08
C GLY A 99 -5.48 -14.12 13.41
N VAL A 100 -5.79 -14.88 14.46
CA VAL A 100 -7.17 -15.22 14.79
C VAL A 100 -7.99 -13.98 15.05
N VAL A 101 -7.41 -13.07 15.83
CA VAL A 101 -8.14 -11.86 16.24
C VAL A 101 -8.37 -10.94 15.04
N GLN A 102 -7.34 -10.79 14.22
CA GLN A 102 -7.46 -10.03 12.97
C GLN A 102 -8.65 -10.57 12.14
N ARG A 103 -8.77 -11.89 12.02
CA ARG A 103 -9.88 -12.48 11.25
C ARG A 103 -11.24 -12.12 11.84
N GLN A 104 -11.33 -12.17 13.16
CA GLN A 104 -12.55 -11.81 13.90
C GLN A 104 -12.95 -10.36 13.67
N HIS A 105 -11.97 -9.48 13.78
CA HIS A 105 -12.17 -8.05 13.53
C HIS A 105 -12.71 -7.87 12.13
N ARG A 106 -12.10 -8.53 11.16
CA ARG A 106 -12.54 -8.40 9.75
C ARG A 106 -13.99 -8.85 9.56
N GLN A 107 -14.28 -10.07 10.03
CA GLN A 107 -15.66 -10.56 10.04
C GLN A 107 -16.65 -9.58 10.67
N ALA A 108 -16.32 -9.02 11.83
CA ALA A 108 -17.22 -8.05 12.49
C ALA A 108 -17.48 -6.81 11.62
N ARG A 109 -16.53 -6.51 10.74
CA ARG A 109 -16.65 -5.41 9.79
C ARG A 109 -17.29 -5.88 8.49
N GLY A 110 -17.69 -7.15 8.44
CA GLY A 110 -18.23 -7.70 7.20
C GLY A 110 -17.27 -7.95 6.07
N GLN A 111 -15.95 -8.00 6.35
CA GLN A 111 -14.99 -8.25 5.29
C GLN A 111 -14.61 -9.72 5.23
N SER A 112 -13.96 -10.15 4.14
CA SER A 112 -13.37 -11.50 4.06
C SER A 112 -12.42 -11.73 5.24
N GLU A 113 -12.12 -12.98 5.56
CA GLU A 113 -11.29 -13.23 6.74
C GLU A 113 -9.88 -12.73 6.55
N VAL A 114 -9.41 -12.72 5.30
CA VAL A 114 -8.03 -12.32 4.95
C VAL A 114 -8.12 -11.42 3.75
N PRO A 115 -7.33 -10.30 3.72
CA PRO A 115 -7.44 -9.48 2.51
C PRO A 115 -6.88 -10.19 1.24
N GLN A 116 -7.43 -9.83 0.08
CA GLN A 116 -6.95 -10.25 -1.23
C GLN A 116 -5.63 -9.58 -1.53
N LEU A 117 -4.82 -10.24 -2.32
CA LEU A 117 -3.61 -9.66 -2.83
C LEU A 117 -3.83 -9.41 -4.32
N ALA A 118 -3.35 -8.27 -4.80
CA ALA A 118 -3.48 -7.95 -6.22
C ALA A 118 -2.10 -7.51 -6.76
N ILE A 119 -1.65 -8.17 -7.81
CA ILE A 119 -0.30 -7.92 -8.32
C ILE A 119 -0.44 -7.16 -9.63
N VAL A 120 0.22 -6.01 -9.71
CA VAL A 120 0.18 -5.21 -10.92
C VAL A 120 1.33 -5.53 -11.85
N THR A 121 1.03 -5.87 -13.11
CA THR A 121 2.10 -6.16 -14.04
C THR A 121 1.69 -5.70 -15.42
N ARG A 122 2.50 -4.90 -16.06
CA ARG A 122 2.14 -4.44 -17.39
C ARG A 122 2.27 -5.58 -18.39
N SER A 123 3.26 -6.44 -18.24
CA SER A 123 3.47 -7.42 -19.30
C SER A 123 2.67 -8.69 -19.07
N GLY A 124 2.19 -8.88 -17.84
CA GLY A 124 1.51 -10.12 -17.49
C GLY A 124 2.48 -11.30 -17.31
N ARG A 125 3.78 -11.03 -17.43
CA ARG A 125 4.72 -12.17 -17.46
C ARG A 125 5.11 -12.68 -16.06
N LEU A 126 4.16 -13.31 -15.35
CA LEU A 126 4.43 -13.93 -14.02
C LEU A 126 4.44 -15.45 -14.21
N ASP A 127 5.39 -16.14 -13.61
CA ASP A 127 5.50 -17.59 -13.79
C ASP A 127 4.51 -18.23 -12.85
N ARG A 128 3.98 -19.39 -13.23
CA ARG A 128 3.08 -20.11 -12.35
C ARG A 128 3.78 -20.43 -11.06
N ASP A 129 5.11 -20.52 -11.13
CA ASP A 129 5.94 -20.78 -9.94
C ASP A 129 6.31 -19.53 -9.14
N MET A 130 5.42 -19.05 -8.25
CA MET A 130 5.73 -17.94 -7.34
C MET A 130 5.06 -18.13 -5.96
N ALA A 131 5.68 -17.66 -4.86
CA ALA A 131 5.03 -17.79 -3.55
C ALA A 131 3.71 -17.04 -3.44
N VAL A 132 3.54 -16.01 -4.29
CA VAL A 132 2.27 -15.31 -4.27
C VAL A 132 1.18 -16.21 -4.78
N PHE A 133 1.59 -17.23 -5.53
CA PHE A 133 0.60 -18.22 -5.95
C PHE A 133 0.57 -19.45 -5.04
N THR A 134 1.67 -19.71 -4.34
CA THR A 134 1.78 -20.95 -3.57
C THR A 134 1.44 -20.85 -2.06
N ARG A 135 1.97 -19.85 -1.36
CA ARG A 135 1.83 -19.92 0.10
C ARG A 135 0.74 -18.91 0.49
N THR A 136 -0.52 -19.31 0.29
CA THR A 136 -1.63 -18.36 0.30
C THR A 136 -3.03 -19.00 0.40
N GLU A 137 -3.91 -18.38 1.21
CA GLU A 137 -5.26 -18.90 1.38
C GLU A 137 -6.15 -18.64 0.18
N MET A 138 -5.80 -17.63 -0.61
CA MET A 138 -6.72 -17.08 -1.60
C MET A 138 -6.02 -16.77 -2.92
N ALA A 139 -6.61 -17.20 -4.04
CA ALA A 139 -6.06 -16.88 -5.37
C ALA A 139 -5.89 -15.36 -5.49
N PRO A 140 -4.66 -14.93 -5.75
CA PRO A 140 -4.48 -13.47 -5.90
C PRO A 140 -5.12 -12.96 -7.18
N LEU A 141 -5.31 -11.65 -7.25
CA LEU A 141 -5.73 -10.98 -8.48
C LEU A 141 -4.46 -10.55 -9.22
N VAL A 142 -4.48 -10.64 -10.54
CA VAL A 142 -3.39 -10.09 -11.36
C VAL A 142 -3.98 -8.97 -12.23
N LEU A 143 -3.48 -7.75 -12.02
CA LEU A 143 -4.02 -6.59 -12.70
C LEU A 143 -3.06 -6.28 -13.84
N THR A 144 -3.57 -6.27 -15.05
CA THR A 144 -2.68 -6.19 -16.20
C THR A 144 -3.35 -5.44 -17.34
N THR A 145 -2.77 -5.53 -18.54
CA THR A 145 -3.29 -4.75 -19.68
C THR A 145 -4.25 -5.58 -20.53
N THR A 146 -5.17 -4.90 -21.20
CA THR A 146 -6.06 -5.55 -22.16
C THR A 146 -5.26 -6.36 -23.21
N ALA A 147 -4.12 -5.81 -23.64
CA ALA A 147 -3.34 -6.49 -24.70
C ALA A 147 -2.97 -7.90 -24.26
N VAL A 148 -2.62 -8.08 -22.99
CA VAL A 148 -2.12 -9.40 -22.56
C VAL A 148 -3.04 -10.21 -21.65
N ALA A 149 -4.22 -9.68 -21.33
CA ALA A 149 -5.07 -10.31 -20.32
C ALA A 149 -5.51 -11.77 -20.61
N ASP A 150 -5.97 -12.07 -21.84
CA ASP A 150 -6.42 -13.44 -22.19
C ASP A 150 -5.29 -14.47 -22.10
N ASP A 151 -4.16 -14.17 -22.75
CA ASP A 151 -3.04 -15.09 -22.63
C ASP A 151 -2.67 -15.29 -21.15
N THR A 152 -2.75 -14.22 -20.38
CA THR A 152 -2.28 -14.29 -19.02
C THR A 152 -3.26 -15.16 -18.21
N ARG A 153 -4.54 -14.94 -18.47
CA ARG A 153 -5.63 -15.71 -17.84
C ARG A 153 -5.40 -17.22 -18.04
N GLN A 154 -4.99 -17.60 -19.26
CA GLN A 154 -4.84 -19.01 -19.59
C GLN A 154 -3.63 -19.57 -18.90
N ARG A 155 -2.52 -18.83 -18.97
CA ARG A 155 -1.30 -19.29 -18.33
C ARG A 155 -1.39 -19.45 -16.81
N LEU A 156 -2.20 -18.61 -16.17
CA LEU A 156 -2.32 -18.64 -14.71
C LEU A 156 -3.62 -19.30 -14.28
N ALA A 157 -4.22 -20.09 -15.18
CA ALA A 157 -5.52 -20.73 -14.88
C ALA A 157 -5.38 -21.51 -13.55
N GLY A 158 -6.32 -21.35 -12.64
CA GLY A 158 -6.19 -22.07 -11.39
C GLY A 158 -5.44 -21.36 -10.28
N LEU A 159 -4.57 -20.41 -10.64
CA LEU A 159 -3.70 -19.78 -9.62
C LEU A 159 -4.11 -18.37 -9.31
N ALA A 160 -4.72 -17.67 -10.25
CA ALA A 160 -5.05 -16.26 -10.05
C ALA A 160 -6.22 -15.81 -10.94
N GLU A 161 -6.94 -14.78 -10.51
CA GLU A 161 -7.97 -14.14 -11.34
C GLU A 161 -7.26 -13.02 -12.07
N VAL A 162 -7.34 -12.99 -13.41
CA VAL A 162 -6.60 -11.98 -14.17
C VAL A 162 -7.57 -10.92 -14.68
N ILE A 163 -7.25 -9.65 -14.45
CA ILE A 163 -8.15 -8.53 -14.72
C ILE A 163 -7.48 -7.48 -15.59
N ALA A 164 -8.12 -7.14 -16.70
CA ALA A 164 -7.63 -6.11 -17.62
C ALA A 164 -7.89 -4.70 -17.07
N CYS A 165 -6.85 -3.88 -16.99
CA CYS A 165 -6.98 -2.53 -16.38
C CYS A 165 -6.55 -1.39 -17.29
N SER A 166 -6.74 -1.56 -18.61
CA SER A 166 -6.28 -0.55 -19.57
C SER A 166 -7.24 0.63 -19.80
N GLY A 167 -6.71 1.78 -20.24
CA GLY A 167 -7.54 2.95 -20.49
C GLY A 167 -7.76 3.12 -21.99
N ASP A 168 -7.05 4.08 -22.58
CA ASP A 168 -7.12 4.31 -24.02
C ASP A 168 -5.97 3.62 -24.77
N ASP A 169 -5.01 3.04 -24.04
CA ASP A 169 -3.87 2.39 -24.67
C ASP A 169 -3.91 0.95 -24.23
N PRO A 170 -4.21 0.01 -25.17
CA PRO A 170 -4.44 -1.34 -24.62
C PRO A 170 -3.12 -1.98 -24.17
N GLY A 171 -2.00 -1.29 -24.35
CA GLY A 171 -0.69 -1.81 -23.98
C GLY A 171 -0.19 -1.30 -22.64
N THR A 172 -1.00 -0.47 -21.96
CA THR A 172 -0.58 0.07 -20.67
C THR A 172 -1.69 -0.06 -19.64
N VAL A 173 -1.29 0.08 -18.38
CA VAL A 173 -2.25 0.10 -17.26
C VAL A 173 -2.69 1.54 -17.07
N ASP A 174 -3.99 1.74 -16.92
CA ASP A 174 -4.52 3.04 -16.49
C ASP A 174 -4.85 2.91 -14.99
N GLU A 175 -4.12 3.62 -14.14
CA GLU A 175 -4.28 3.42 -12.69
C GLU A 175 -5.67 3.81 -12.17
N ALA A 176 -6.34 4.69 -12.87
CA ALA A 176 -7.72 4.99 -12.45
C ALA A 176 -8.64 3.83 -12.82
N VAL A 177 -8.42 3.24 -13.99
CA VAL A 177 -9.19 2.04 -14.33
C VAL A 177 -8.90 0.95 -13.32
N LEU A 178 -7.61 0.82 -12.95
CA LEU A 178 -7.19 -0.20 -11.97
C LEU A 178 -7.98 -0.06 -10.66
N VAL A 179 -8.02 1.15 -10.10
CA VAL A 179 -8.78 1.32 -8.87
C VAL A 179 -10.29 1.02 -9.11
N SER A 180 -10.84 1.41 -10.26
CA SER A 180 -12.29 1.14 -10.39
C SER A 180 -12.56 -0.36 -10.58
N GLN A 181 -11.62 -1.10 -11.19
CA GLN A 181 -11.81 -2.55 -11.32
C GLN A 181 -11.83 -3.23 -9.95
N LEU A 182 -11.01 -2.76 -9.02
CA LEU A 182 -11.07 -3.34 -7.69
C LEU A 182 -12.36 -2.96 -7.01
N ALA A 183 -12.72 -1.69 -7.09
CA ALA A 183 -13.99 -1.30 -6.42
C ALA A 183 -15.21 -2.08 -7.00
N ALA A 184 -15.18 -2.35 -8.31
CA ALA A 184 -16.28 -3.08 -8.96
C ALA A 184 -16.43 -4.49 -8.40
N ARG A 185 -15.41 -4.96 -7.68
CA ARG A 185 -15.39 -6.32 -7.12
C ARG A 185 -15.56 -6.26 -5.60
N GLY A 186 -16.02 -5.10 -5.13
CA GLY A 186 -16.28 -4.91 -3.72
C GLY A 186 -14.99 -4.59 -2.97
N LEU A 187 -13.88 -4.36 -3.67
CA LEU A 187 -12.61 -4.08 -2.96
C LEU A 187 -12.29 -2.59 -2.94
N ARG A 188 -13.05 -1.78 -2.21
CA ARG A 188 -12.90 -0.35 -2.37
C ARG A 188 -11.88 0.23 -1.38
N ARG A 189 -11.56 -0.53 -0.34
CA ARG A 189 -10.57 -0.08 0.64
C ARG A 189 -9.23 -0.66 0.30
N ILE A 190 -8.39 0.15 -0.34
CA ILE A 190 -7.23 -0.44 -1.03
C ILE A 190 -5.98 0.01 -0.26
N LEU A 191 -5.04 -0.88 -0.08
CA LEU A 191 -3.75 -0.49 0.54
C LEU A 191 -2.65 -0.89 -0.44
N THR A 192 -1.61 -0.05 -0.58
CA THR A 192 -0.43 -0.50 -1.30
C THR A 192 0.78 -0.25 -0.44
N GLU A 193 1.73 -1.16 -0.49
CA GLU A 193 2.93 -1.13 0.28
C GLU A 193 4.14 -1.10 -0.61
N GLY A 194 3.95 -1.04 -1.91
CA GLY A 194 5.15 -1.08 -2.76
C GLY A 194 4.83 -1.67 -4.11
N GLY A 195 5.79 -1.56 -5.04
CA GLY A 195 7.04 -0.85 -4.74
C GLY A 195 7.01 0.57 -5.26
N PRO A 196 8.23 1.16 -5.41
CA PRO A 196 8.36 2.58 -5.77
C PRO A 196 7.89 2.83 -7.20
N THR A 197 8.00 1.85 -8.09
CA THR A 197 7.52 2.08 -9.46
C THR A 197 5.99 2.23 -9.42
N LEU A 198 5.35 1.28 -8.78
CA LEU A 198 3.88 1.37 -8.63
C LEU A 198 3.43 2.65 -7.92
N LEU A 199 4.02 2.92 -6.76
CA LEU A 199 3.63 4.13 -6.06
C LEU A 199 3.84 5.34 -6.98
N GLY A 200 4.95 5.36 -7.74
CA GLY A 200 5.17 6.50 -8.62
C GLY A 200 4.07 6.66 -9.64
N THR A 201 3.58 5.54 -10.20
CA THR A 201 2.44 5.64 -11.13
C THR A 201 1.15 6.15 -10.46
N PHE A 202 0.88 5.75 -9.21
CA PHE A 202 -0.35 6.24 -8.55
C PHE A 202 -0.26 7.74 -8.29
N VAL A 203 0.94 8.18 -7.91
CA VAL A 203 1.22 9.58 -7.63
C VAL A 203 1.18 10.37 -8.95
N GLU A 204 1.75 9.79 -10.01
CA GLU A 204 1.81 10.50 -11.27
C GLU A 204 0.41 10.66 -11.84
N ARG A 205 -0.44 9.66 -11.65
CA ARG A 205 -1.79 9.68 -12.21
C ARG A 205 -2.80 10.34 -11.29
N ASP A 206 -2.33 10.82 -10.15
CA ASP A 206 -3.16 11.50 -9.16
C ASP A 206 -4.33 10.64 -8.66
N VAL A 207 -4.07 9.37 -8.38
CA VAL A 207 -5.08 8.49 -7.83
C VAL A 207 -4.76 8.06 -6.39
N LEU A 208 -3.68 8.61 -5.84
CA LEU A 208 -3.34 8.28 -4.44
C LEU A 208 -4.13 9.15 -3.46
N ASP A 209 -4.98 8.53 -2.63
CA ASP A 209 -5.80 9.31 -1.71
C ASP A 209 -5.11 9.66 -0.39
N GLU A 210 -4.23 8.78 0.06
CA GLU A 210 -3.66 8.99 1.40
C GLU A 210 -2.30 8.31 1.45
N LEU A 211 -1.35 8.95 2.15
CA LEU A 211 -0.05 8.32 2.32
C LEU A 211 0.21 8.23 3.81
N CYS A 212 0.40 7.01 4.30
CA CYS A 212 0.81 6.82 5.69
C CYS A 212 2.32 6.61 5.60
N LEU A 213 3.09 7.42 6.30
CA LEU A 213 4.52 7.35 6.13
C LEU A 213 5.17 7.29 7.46
N THR A 214 6.02 6.30 7.63
CA THR A 214 6.80 6.17 8.84
C THR A 214 8.12 6.84 8.49
N ILE A 215 8.49 7.84 9.30
CA ILE A 215 9.77 8.53 9.16
C ILE A 215 10.70 7.94 10.18
N ALA A 216 11.65 7.17 9.69
CA ALA A 216 12.66 6.56 10.57
C ALA A 216 13.82 7.47 10.91
N PRO A 217 14.24 7.47 12.19
CA PRO A 217 15.22 8.47 12.58
C PRO A 217 16.67 8.06 12.21
N TYR A 218 16.94 7.86 10.92
CA TYR A 218 18.29 7.56 10.50
C TYR A 218 18.58 8.43 9.31
N VAL A 219 19.85 8.69 9.06
CA VAL A 219 20.25 9.08 7.71
C VAL A 219 21.00 7.89 7.09
N VAL A 220 20.81 7.67 5.79
CA VAL A 220 21.41 6.50 5.12
C VAL A 220 22.39 6.88 3.99
N GLY A 221 22.46 8.18 3.66
CA GLY A 221 23.38 8.58 2.58
C GLY A 221 22.76 8.46 1.18
N GLY A 222 23.54 8.82 0.14
CA GLY A 222 22.93 9.05 -1.17
C GLY A 222 22.60 7.89 -2.06
N LEU A 223 23.07 6.68 -1.73
CA LEU A 223 22.83 5.54 -2.61
C LEU A 223 21.40 5.13 -2.73
N ALA A 224 20.65 5.12 -1.62
CA ALA A 224 19.28 4.62 -1.69
C ALA A 224 18.33 5.35 -2.66
N ARG A 225 17.41 4.61 -3.26
CA ARG A 225 16.30 5.21 -3.96
C ARG A 225 15.27 5.82 -3.02
N ARG A 226 14.41 6.68 -3.57
CA ARG A 226 13.22 7.17 -2.85
C ARG A 226 12.07 6.13 -2.79
N ILE A 227 11.05 6.44 -2.01
CA ILE A 227 9.86 5.57 -1.93
C ILE A 227 9.06 5.54 -3.24
N VAL A 228 9.27 6.57 -4.10
CA VAL A 228 8.73 6.57 -5.43
C VAL A 228 9.85 6.70 -6.46
N THR A 229 9.69 6.02 -7.60
CA THR A 229 10.66 6.16 -8.68
C THR A 229 9.91 6.35 -9.98
N GLY A 230 10.63 6.73 -11.02
CA GLY A 230 9.97 6.91 -12.31
C GLY A 230 10.06 8.36 -12.80
N PRO A 231 9.60 8.60 -14.02
CA PRO A 231 9.77 9.93 -14.60
C PRO A 231 8.73 10.97 -14.13
N GLY A 232 7.74 10.56 -13.35
CA GLY A 232 6.67 11.49 -12.99
C GLY A 232 7.13 12.71 -12.21
N GLN A 233 6.49 13.85 -12.47
CA GLN A 233 6.72 15.01 -11.64
C GLN A 233 5.38 15.68 -11.39
N VAL A 234 4.97 15.81 -10.14
CA VAL A 234 3.69 16.43 -9.84
C VAL A 234 3.91 17.33 -8.66
N LEU A 235 2.88 18.07 -8.25
CA LEU A 235 3.00 18.81 -6.99
C LEU A 235 1.65 18.71 -6.28
N THR A 236 1.44 17.62 -5.56
CA THR A 236 0.11 17.34 -5.00
C THR A 236 0.10 17.65 -3.51
N ARG A 237 -0.72 18.59 -3.09
CA ARG A 237 -0.79 19.02 -1.69
C ARG A 237 -1.60 17.99 -0.89
N MET A 238 -1.13 17.71 0.32
CA MET A 238 -1.82 16.81 1.23
C MET A 238 -2.01 17.51 2.56
N ARG A 239 -3.00 17.05 3.33
CA ARG A 239 -3.32 17.62 4.64
C ARG A 239 -2.73 16.65 5.63
N CYS A 240 -2.12 17.16 6.69
CA CYS A 240 -1.54 16.26 7.69
C CYS A 240 -2.68 15.88 8.64
N ALA A 241 -3.17 14.63 8.56
CA ALA A 241 -4.27 14.19 9.45
C ALA A 241 -3.74 13.88 10.87
N HIS A 242 -2.55 13.25 10.99
CA HIS A 242 -2.00 13.04 12.33
C HIS A 242 -0.52 12.73 12.25
N VAL A 243 0.13 12.90 13.39
CA VAL A 243 1.49 12.42 13.59
C VAL A 243 1.52 11.68 14.94
N LEU A 244 1.99 10.43 14.92
CA LEU A 244 2.21 9.65 16.16
C LEU A 244 3.71 9.52 16.35
N THR A 245 4.12 9.24 17.58
CA THR A 245 5.55 8.93 17.77
C THR A 245 5.67 7.80 18.79
N ASP A 246 6.89 7.35 19.03
CA ASP A 246 7.17 6.39 20.08
C ASP A 246 8.38 6.88 20.85
N ASP A 247 8.87 6.06 21.77
CA ASP A 247 10.05 6.47 22.52
C ASP A 247 11.32 6.38 21.68
N SER A 248 11.25 5.73 20.52
CA SER A 248 12.45 5.61 19.67
C SER A 248 12.68 6.79 18.71
N GLY A 249 11.79 7.75 18.73
CA GLY A 249 11.88 8.89 17.85
C GLY A 249 11.41 8.65 16.41
N TYR A 250 10.58 7.63 16.17
CA TYR A 250 9.98 7.43 14.84
C TYR A 250 8.76 8.34 14.76
N LEU A 251 8.44 8.83 13.57
CA LEU A 251 7.13 9.53 13.44
C LEU A 251 6.30 8.67 12.55
N TYR A 252 5.05 8.46 12.93
CA TYR A 252 4.10 7.68 12.09
C TYR A 252 3.05 8.64 11.60
N THR A 253 3.14 9.07 10.34
CA THR A 253 2.32 10.17 9.87
C THR A 253 1.21 9.64 8.98
N ARG A 254 0.17 10.43 8.87
CA ARG A 254 -0.91 10.12 7.94
C ARG A 254 -1.32 11.41 7.25
N TYR A 255 -1.23 11.42 5.91
CA TYR A 255 -1.52 12.58 5.08
C TYR A 255 -2.59 12.17 4.11
N VAL A 256 -3.52 13.08 3.84
CA VAL A 256 -4.65 12.72 3.01
C VAL A 256 -4.79 13.83 1.98
N LYS A 257 -5.15 13.47 0.76
CA LYS A 257 -5.04 14.42 -0.35
C LYS A 257 -6.03 15.58 -0.14
N THR A 258 -5.56 16.82 -0.32
CA THR A 258 -6.45 17.97 -0.18
C THR A 258 -7.14 18.11 -1.53
PA NDP B . 7.43 -2.20 -8.05
O1A NDP B . 6.40 -1.15 -7.96
O2A NDP B . 7.02 -3.21 -7.00
O5B NDP B . 7.32 -2.92 -9.49
C5B NDP B . 8.15 -2.61 -10.66
C4B NDP B . 7.51 -3.61 -11.53
O4B NDP B . 6.15 -3.79 -10.94
C3B NDP B . 7.35 -3.16 -12.94
O3B NDP B . 8.40 -3.74 -13.73
C2B NDP B . 5.99 -3.57 -13.34
O2B NDP B . 5.81 -4.94 -13.73
C1B NDP B . 5.22 -3.56 -12.08
N9A NDP B . 4.48 -2.43 -11.98
C8A NDP B . 4.42 -1.53 -11.17
N7A NDP B . 3.71 -0.74 -11.33
C5A NDP B . 3.01 -0.71 -12.28
C6A NDP B . 1.87 -0.06 -13.14
N6A NDP B . 1.18 1.15 -12.76
N1A NDP B . 1.48 -0.74 -14.32
C2A NDP B . 2.04 -1.78 -14.61
N3A NDP B . 2.86 -2.35 -14.06
C4A NDP B . 3.42 -2.07 -13.03
O3 NDP B . 8.87 -1.51 -7.84
PN NDP B . 10.28 -2.23 -7.56
O1N NDP B . 11.42 -1.33 -8.02
O2N NDP B . 10.38 -3.51 -8.36
O5D NDP B . 10.36 -2.56 -6.01
C5D NDP B . 11.39 -3.34 -5.41
C4D NDP B . 11.68 -2.63 -4.13
O4D NDP B . 10.42 -2.14 -3.47
C3D NDP B . 12.41 -3.40 -3.11
O3D NDP B . 13.69 -2.73 -3.05
C2D NDP B . 11.63 -3.29 -1.84
O2D NDP B . 12.44 -3.19 -0.65
C1D NDP B . 10.99 -2.03 -2.08
N1N NDP B . 10.20 -1.32 -1.15
C2N NDP B . 10.42 -0.38 -0.12
C3N NDP B . 9.34 0.14 0.60
C7N NDP B . 9.36 1.18 1.75
O7N NDP B . 8.37 1.29 2.52
N7N NDP B . 10.54 2.00 1.92
C4N NDP B . 7.92 -0.40 0.31
C5N NDP B . 7.89 -1.16 -1.05
C6N NDP B . 8.96 -1.61 -1.67
P2B NDP B . 6.17 -5.61 -15.14
O1X NDP B . 5.86 -7.11 -15.19
O2X NDP B . 5.28 -5.05 -16.20
O3X NDP B . 7.64 -5.31 -15.38
C1 PEG C . -16.54 -5.77 1.33
O1 PEG C . -16.73 -6.04 -0.04
C2 PEG C . -15.35 -6.55 1.93
O2 PEG C . -14.82 -7.53 1.03
C3 PEG C . -13.95 -8.54 1.61
C4 PEG C . -12.49 -8.00 1.83
O4 PEG C . -11.54 -8.65 0.91
#